data_5G44
#
_entry.id   5G44
#
_cell.length_a   61.840
_cell.length_b   61.840
_cell.length_c   156.430
_cell.angle_alpha   90.00
_cell.angle_beta   90.00
_cell.angle_gamma   90.00
#
_symmetry.space_group_name_H-M   'P 41 21 2'
#
loop_
_entity.id
_entity.type
_entity.pdbx_description
1 polymer 'NUCLEAR RECEPTOR ROR-GAMMA'
2 polymer RORG
3 non-polymer 8-methoxy-2,3-dimethylquinoxalin-5-ol
4 non-polymer (4-pyrimidin-5-ylphenyl)methanol
5 non-polymer 4-amino-N-(1,3-thiazol-2-yl)benzenesulfonamide
6 non-polymer 'SODIUM ION'
7 non-polymer 'DIMETHYL SULFOXIDE'
8 water water
#
loop_
_entity_poly.entity_id
_entity_poly.type
_entity_poly.pdbx_seq_one_letter_code
_entity_poly.pdbx_strand_id
1 'polypeptide(L)'
;HNHNHNHNHNHNGGENLYFQGASLTEIEHLVQSVCKSYRETCQLRLEDLLRQRSNIFSREEVTGYQRKSMWEMWERCAHH
LTEAIQYVVEFAKRLSGFMELCQNDQIVLLKAGAMEVVLVRMCRAYNADNRTVFFEGKYGGMELFRALGCSELISSIFDF
SHSLSALHFSEDEIALYTALVLINAHRPGLQEKRKVEQLQYNLELAFHHHLCKTHRQSILAKLPPKGKLRSLCSQHVERL
QIFQHLHPIVVQAAFPPLYKELFSGG
;
A
2 'polypeptide(L)' KHKILHRLLQDS C
#
# COMPACT_ATOMS: atom_id res chain seq x y z
N ALA A 22 15.52 -8.58 21.00
CA ALA A 22 15.66 -9.92 20.42
C ALA A 22 17.12 -10.25 20.09
N SER A 23 17.54 -11.53 20.26
CA SER A 23 18.89 -12.04 19.94
C SER A 23 19.08 -12.15 18.40
N LEU A 24 20.29 -12.55 17.93
CA LEU A 24 20.62 -12.68 16.51
C LEU A 24 19.83 -13.75 15.72
N THR A 25 19.77 -14.97 16.26
CA THR A 25 19.02 -16.04 15.61
C THR A 25 17.52 -15.64 15.48
N GLU A 26 16.98 -14.97 16.49
CA GLU A 26 15.58 -14.57 16.47
C GLU A 26 15.37 -13.49 15.39
N ILE A 27 16.36 -12.55 15.22
CA ILE A 27 16.26 -11.51 14.19
C ILE A 27 16.23 -12.17 12.78
N GLU A 28 17.07 -13.17 12.54
CA GLU A 28 17.09 -13.85 11.24
C GLU A 28 15.78 -14.56 11.01
N HIS A 29 15.20 -15.14 12.07
CA HIS A 29 13.91 -15.81 11.94
C HIS A 29 12.85 -14.77 11.57
N LEU A 30 12.92 -13.59 12.21
CA LEU A 30 11.98 -12.50 11.94
C LEU A 30 12.06 -12.08 10.48
N VAL A 31 13.29 -11.93 9.92
CA VAL A 31 13.51 -11.56 8.53
C VAL A 31 12.80 -12.58 7.60
N GLN A 32 13.07 -13.89 7.81
CA GLN A 32 12.49 -14.99 7.02
C GLN A 32 10.96 -14.96 7.05
N SER A 33 10.41 -14.76 8.24
CA SER A 33 8.97 -14.75 8.50
C SER A 33 8.27 -13.61 7.76
N VAL A 34 8.84 -12.40 7.85
CA VAL A 34 8.30 -11.21 7.16
C VAL A 34 8.33 -11.41 5.65
N CYS A 35 9.48 -11.86 5.10
CA CYS A 35 9.57 -12.08 3.65
C CYS A 35 8.57 -13.10 3.14
N LYS A 36 8.35 -14.20 3.89
CA LYS A 36 7.38 -15.23 3.52
C LYS A 36 5.96 -14.63 3.60
N SER A 37 5.64 -13.88 4.68
CA SER A 37 4.33 -13.27 4.85
C SER A 37 4.03 -12.30 3.69
N TYR A 38 5.04 -11.57 3.23
CA TYR A 38 4.87 -10.64 2.11
C TYR A 38 4.50 -11.41 0.81
N ARG A 39 5.31 -12.40 0.44
CA ARG A 39 5.13 -13.20 -0.78
C ARG A 39 3.79 -13.90 -0.80
N GLU A 40 3.31 -14.38 0.36
CA GLU A 40 2.01 -15.08 0.47
C GLU A 40 0.80 -14.14 0.42
N THR A 41 1.02 -12.82 0.52
CA THR A 41 -0.07 -11.85 0.59
C THR A 41 -0.02 -10.84 -0.53
N CYS A 42 0.53 -11.24 -1.67
CA CYS A 42 0.51 -10.40 -2.86
C CYS A 42 -0.43 -11.09 -3.86
N GLN A 43 -1.38 -10.34 -4.43
CA GLN A 43 -2.31 -10.93 -5.40
C GLN A 43 -1.54 -11.58 -6.57
N LEU A 44 -0.59 -10.86 -7.14
CA LEU A 44 0.20 -11.32 -8.28
C LEU A 44 1.63 -11.61 -7.90
N ARG A 45 2.24 -12.61 -8.56
CA ARG A 45 3.66 -12.90 -8.38
C ARG A 45 4.44 -11.84 -9.11
N LEU A 46 5.64 -11.49 -8.61
CA LEU A 46 6.47 -10.49 -9.30
C LEU A 46 6.81 -10.96 -10.74
N GLU A 47 7.10 -12.26 -10.89
CA GLU A 47 7.41 -12.87 -12.19
C GLU A 47 6.26 -12.69 -13.17
N ASP A 48 5.00 -12.81 -12.71
CA ASP A 48 3.81 -12.57 -13.56
C ASP A 48 3.82 -11.11 -14.07
N LEU A 49 4.06 -10.11 -13.16
CA LEU A 49 4.11 -8.69 -13.52
C LEU A 49 5.20 -8.40 -14.53
N LEU A 50 6.40 -8.96 -14.33
CA LEU A 50 7.52 -8.71 -15.26
C LEU A 50 7.24 -9.27 -16.64
N ARG A 51 6.64 -10.45 -16.70
CA ARG A 51 6.33 -11.10 -17.99
C ARG A 51 5.26 -10.39 -18.81
N GLN A 52 4.48 -9.46 -18.18
CA GLN A 52 3.43 -8.68 -18.85
C GLN A 52 3.88 -7.31 -19.35
N ARG A 53 5.16 -6.95 -19.13
CA ARG A 53 5.68 -5.62 -19.46
C ARG A 53 5.48 -5.16 -20.88
N SER A 54 5.48 -6.09 -21.83
CA SER A 54 5.25 -5.69 -23.22
C SER A 54 3.74 -5.62 -23.57
N ASN A 55 2.85 -6.03 -22.64
CA ASN A 55 1.39 -6.00 -22.83
C ASN A 55 0.91 -4.61 -22.39
N ILE A 56 0.89 -3.67 -23.35
CA ILE A 56 0.61 -2.27 -23.13
C ILE A 56 -0.71 -1.85 -23.76
N PHE A 57 -1.46 -0.98 -23.09
CA PHE A 57 -2.71 -0.48 -23.65
C PHE A 57 -2.46 0.30 -24.94
N SER A 58 -3.30 0.05 -25.97
CA SER A 58 -3.21 0.78 -27.23
C SER A 58 -3.71 2.22 -27.04
N ARG A 59 -3.44 3.12 -28.02
CA ARG A 59 -3.91 4.51 -27.92
C ARG A 59 -5.46 4.55 -27.89
N GLU A 60 -6.12 3.61 -28.59
CA GLU A 60 -7.57 3.51 -28.60
C GLU A 60 -8.08 3.10 -27.23
N GLU A 61 -7.39 2.15 -26.55
CA GLU A 61 -7.83 1.66 -25.23
C GLU A 61 -7.68 2.76 -24.18
N VAL A 62 -6.60 3.54 -24.24
CA VAL A 62 -6.33 4.68 -23.36
C VAL A 62 -7.43 5.74 -23.54
N THR A 63 -7.76 6.10 -24.80
CA THR A 63 -8.83 7.05 -25.11
C THR A 63 -10.17 6.54 -24.50
N GLY A 64 -10.39 5.23 -24.55
CA GLY A 64 -11.54 4.55 -23.96
C GLY A 64 -11.64 4.79 -22.47
N TYR A 65 -10.50 4.69 -21.74
CA TYR A 65 -10.51 4.99 -20.32
C TYR A 65 -10.72 6.46 -20.06
N GLN A 66 -10.17 7.33 -20.93
CA GLN A 66 -10.30 8.78 -20.78
C GLN A 66 -11.74 9.26 -21.01
N ARG A 67 -12.51 8.49 -21.79
CA ARG A 67 -13.90 8.79 -22.10
C ARG A 67 -14.88 8.25 -21.07
N LYS A 68 -14.40 7.46 -20.09
CA LYS A 68 -15.25 6.93 -19.03
C LYS A 68 -15.67 8.09 -18.14
N SER A 69 -16.84 7.96 -17.53
CA SER A 69 -17.30 9.02 -16.66
C SER A 69 -16.42 9.05 -15.41
N MET A 70 -16.34 10.22 -14.76
CA MET A 70 -15.55 10.38 -13.54
C MET A 70 -15.98 9.38 -12.49
N TRP A 71 -17.31 9.20 -12.31
CA TRP A 71 -17.84 8.27 -11.32
C TRP A 71 -17.50 6.81 -11.61
N GLU A 72 -17.57 6.39 -12.88
CA GLU A 72 -17.20 5.03 -13.31
C GLU A 72 -15.73 4.76 -12.97
N MET A 73 -14.85 5.71 -13.27
CA MET A 73 -13.41 5.52 -13.02
C MET A 73 -13.09 5.49 -11.52
N TRP A 74 -13.76 6.34 -10.73
CA TRP A 74 -13.55 6.34 -9.27
C TRP A 74 -13.99 4.98 -8.70
N GLU A 75 -15.16 4.46 -9.15
CA GLU A 75 -15.68 3.17 -8.67
C GLU A 75 -14.69 2.05 -8.94
N ARG A 76 -14.17 1.99 -10.17
CA ARG A 76 -13.21 0.97 -10.59
C ARG A 76 -11.96 1.08 -9.72
N CYS A 77 -11.42 2.30 -9.57
CA CYS A 77 -10.23 2.50 -8.77
C CYS A 77 -10.43 2.18 -7.28
N ALA A 78 -11.62 2.52 -6.71
CA ALA A 78 -11.88 2.22 -5.30
C ALA A 78 -11.97 0.70 -5.08
N HIS A 79 -12.60 -0.06 -6.03
CA HIS A 79 -12.67 -1.52 -5.97
C HIS A 79 -11.21 -2.11 -6.00
N HIS A 80 -10.34 -1.65 -6.95
CA HIS A 80 -8.96 -2.18 -7.02
C HIS A 80 -8.16 -1.85 -5.75
N LEU A 81 -8.33 -0.64 -5.23
CA LEU A 81 -7.63 -0.25 -4.00
C LEU A 81 -8.12 -1.09 -2.81
N THR A 82 -9.45 -1.33 -2.74
CA THR A 82 -10.04 -2.13 -1.68
C THR A 82 -9.48 -3.55 -1.73
N GLU A 83 -9.38 -4.16 -2.94
CA GLU A 83 -8.80 -5.52 -3.06
C GLU A 83 -7.33 -5.49 -2.55
N ALA A 84 -6.53 -4.46 -2.96
CA ALA A 84 -5.12 -4.33 -2.50
C ALA A 84 -5.05 -4.21 -0.97
N ILE A 85 -5.98 -3.46 -0.36
CA ILE A 85 -6.03 -3.31 1.10
C ILE A 85 -6.35 -4.59 1.81
N GLN A 86 -7.28 -5.42 1.23
CA GLN A 86 -7.59 -6.73 1.83
C GLN A 86 -6.33 -7.57 1.97
N TYR A 87 -5.47 -7.53 0.95
CA TYR A 87 -4.19 -8.25 0.99
C TYR A 87 -3.26 -7.68 2.04
N VAL A 88 -3.27 -6.36 2.22
CA VAL A 88 -2.44 -5.71 3.25
C VAL A 88 -2.92 -6.13 4.66
N VAL A 89 -4.25 -6.29 4.84
CA VAL A 89 -4.78 -6.73 6.14
C VAL A 89 -4.27 -8.16 6.41
N GLU A 90 -4.28 -9.05 5.39
CA GLU A 90 -3.77 -10.42 5.54
C GLU A 90 -2.28 -10.39 5.90
N PHE A 91 -1.50 -9.48 5.28
CA PHE A 91 -0.08 -9.30 5.58
C PHE A 91 0.14 -8.94 7.07
N ALA A 92 -0.63 -7.94 7.58
CA ALA A 92 -0.60 -7.46 8.97
C ALA A 92 -0.89 -8.63 9.92
N LYS A 93 -1.93 -9.40 9.63
CA LYS A 93 -2.34 -10.56 10.45
C LYS A 93 -1.25 -11.63 10.59
N ARG A 94 -0.37 -11.76 9.58
CA ARG A 94 0.75 -12.73 9.59
C ARG A 94 2.00 -12.17 10.28
N LEU A 95 2.01 -10.87 10.64
CA LEU A 95 3.16 -10.28 11.33
C LEU A 95 3.15 -10.65 12.77
N SER A 96 4.27 -11.22 13.22
CA SER A 96 4.51 -11.62 14.61
C SER A 96 4.29 -10.41 15.49
N GLY A 97 3.46 -10.58 16.49
CA GLY A 97 3.16 -9.51 17.43
C GLY A 97 1.95 -8.70 17.08
N PHE A 98 1.63 -8.55 15.76
CA PHE A 98 0.45 -7.77 15.36
C PHE A 98 -0.83 -8.30 15.98
N MET A 99 -1.06 -9.63 15.84
CA MET A 99 -2.25 -10.29 16.38
C MET A 99 -2.32 -10.32 17.92
N GLU A 100 -1.22 -10.05 18.61
CA GLU A 100 -1.22 -9.99 20.07
C GLU A 100 -1.58 -8.59 20.59
N LEU A 101 -1.56 -7.55 19.71
CA LEU A 101 -1.97 -6.19 20.10
C LEU A 101 -3.47 -6.20 20.31
N CYS A 102 -4.00 -5.24 21.07
CA CYS A 102 -5.44 -5.16 21.27
C CYS A 102 -6.07 -4.72 19.93
N GLN A 103 -7.38 -4.97 19.75
CA GLN A 103 -8.11 -4.62 18.54
C GLN A 103 -8.07 -3.12 18.24
N ASN A 104 -8.14 -2.24 19.26
CA ASN A 104 -8.06 -0.79 19.03
C ASN A 104 -6.76 -0.45 18.26
N ASP A 105 -5.62 -0.94 18.76
CA ASP A 105 -4.30 -0.70 18.18
C ASP A 105 -4.16 -1.35 16.80
N GLN A 106 -4.72 -2.55 16.60
CA GLN A 106 -4.67 -3.21 15.28
C GLN A 106 -5.35 -2.33 14.26
N ILE A 107 -6.54 -1.79 14.65
CA ILE A 107 -7.33 -0.91 13.78
C ILE A 107 -6.64 0.41 13.56
N VAL A 108 -6.07 1.03 14.60
CA VAL A 108 -5.32 2.29 14.46
C VAL A 108 -4.19 2.09 13.42
N LEU A 109 -3.39 1.03 13.59
CA LEU A 109 -2.27 0.78 12.67
C LEU A 109 -2.72 0.58 11.21
N LEU A 110 -3.77 -0.21 11.00
CA LEU A 110 -4.30 -0.47 9.65
C LEU A 110 -4.92 0.75 9.02
N LYS A 111 -5.70 1.54 9.80
CA LYS A 111 -6.32 2.75 9.26
C LYS A 111 -5.27 3.77 8.87
N ALA A 112 -4.21 3.87 9.65
CA ALA A 112 -3.18 4.84 9.33
C ALA A 112 -2.20 4.31 8.28
N GLY A 113 -1.94 3.01 8.28
CA GLY A 113 -0.88 2.45 7.45
C GLY A 113 -1.23 1.65 6.21
N ALA A 114 -2.50 1.17 6.04
CA ALA A 114 -2.82 0.31 4.91
C ALA A 114 -2.57 0.99 3.55
N MET A 115 -3.01 2.25 3.40
CA MET A 115 -2.82 3.01 2.16
C MET A 115 -1.34 3.24 1.92
N GLU A 116 -0.58 3.55 2.98
CA GLU A 116 0.88 3.74 2.85
C GLU A 116 1.52 2.44 2.34
N VAL A 117 1.10 1.25 2.84
CA VAL A 117 1.68 -0.03 2.37
C VAL A 117 1.35 -0.22 0.88
N VAL A 118 0.10 0.03 0.49
CA VAL A 118 -0.29 -0.06 -0.94
C VAL A 118 0.63 0.84 -1.81
N LEU A 119 0.88 2.07 -1.35
CA LEU A 119 1.71 3.01 -2.14
C LEU A 119 3.14 2.52 -2.33
N VAL A 120 3.68 1.82 -1.33
CA VAL A 120 5.03 1.25 -1.43
C VAL A 120 4.96 0.00 -2.31
N ARG A 121 4.01 -0.92 -2.04
CA ARG A 121 3.90 -2.15 -2.83
C ARG A 121 3.73 -1.86 -4.30
N MET A 122 3.09 -0.74 -4.65
CA MET A 122 2.84 -0.49 -6.06
C MET A 122 4.06 -0.31 -6.96
N CYS A 123 5.26 -0.06 -6.39
CA CYS A 123 6.42 0.02 -7.26
C CYS A 123 6.72 -1.34 -7.91
N ARG A 124 6.27 -2.48 -7.34
CA ARG A 124 6.43 -3.81 -7.98
C ARG A 124 5.62 -3.91 -9.30
N ALA A 125 4.56 -3.11 -9.44
CA ALA A 125 3.70 -3.10 -10.64
C ALA A 125 3.96 -1.89 -11.52
N TYR A 126 5.05 -1.16 -11.26
CA TYR A 126 5.39 0.03 -12.01
C TYR A 126 6.64 -0.27 -12.89
N ASN A 127 6.55 0.09 -14.16
CA ASN A 127 7.66 -0.10 -15.08
C ASN A 127 8.33 1.26 -15.30
N ALA A 128 9.47 1.48 -14.63
CA ALA A 128 10.22 2.73 -14.72
C ALA A 128 10.74 3.03 -16.14
N ASP A 129 10.97 1.98 -16.97
CA ASP A 129 11.45 2.10 -18.35
C ASP A 129 10.52 2.96 -19.24
N ASN A 130 9.19 2.82 -19.08
CA ASN A 130 8.21 3.59 -19.86
C ASN A 130 7.16 4.34 -19.00
N ARG A 131 7.35 4.37 -17.65
CA ARG A 131 6.47 5.08 -16.70
C ARG A 131 5.02 4.58 -16.79
N THR A 132 4.86 3.25 -16.78
CA THR A 132 3.54 2.63 -16.83
C THR A 132 3.27 1.79 -15.58
N VAL A 133 1.97 1.55 -15.28
CA VAL A 133 1.51 0.71 -14.16
C VAL A 133 0.64 -0.39 -14.73
N PHE A 134 0.67 -1.58 -14.08
CA PHE A 134 -0.16 -2.68 -14.48
C PHE A 134 -1.54 -2.39 -13.90
N PHE A 135 -2.51 -2.16 -14.77
CA PHE A 135 -3.87 -1.83 -14.37
C PHE A 135 -4.85 -2.60 -15.26
N GLU A 136 -5.77 -3.34 -14.63
CA GLU A 136 -6.79 -4.09 -15.36
C GLU A 136 -6.22 -4.94 -16.54
N GLY A 137 -5.12 -5.66 -16.29
CA GLY A 137 -4.54 -6.60 -17.24
C GLY A 137 -3.49 -6.14 -18.23
N LYS A 138 -3.19 -4.84 -18.31
CA LYS A 138 -2.18 -4.32 -19.20
C LYS A 138 -1.46 -3.17 -18.54
N TYR A 139 -0.32 -2.76 -19.10
CA TYR A 139 0.40 -1.60 -18.62
C TYR A 139 -0.08 -0.32 -19.32
N GLY A 140 -0.25 0.74 -18.55
CA GLY A 140 -0.60 2.06 -19.08
C GLY A 140 0.02 3.19 -18.28
N GLY A 141 0.17 4.34 -18.92
CA GLY A 141 0.74 5.53 -18.30
C GLY A 141 -0.28 6.27 -17.47
N MET A 142 0.15 7.32 -16.80
CA MET A 142 -0.76 8.11 -15.96
C MET A 142 -1.96 8.74 -16.71
N GLU A 143 -1.84 8.92 -18.03
CA GLU A 143 -2.93 9.46 -18.86
C GLU A 143 -4.19 8.57 -18.85
N LEU A 144 -4.04 7.29 -18.45
CA LEU A 144 -5.13 6.32 -18.33
C LEU A 144 -6.13 6.85 -17.29
N PHE A 145 -5.64 7.62 -16.32
CA PHE A 145 -6.41 8.08 -15.17
C PHE A 145 -7.00 9.47 -15.24
N ARG A 146 -6.92 10.11 -16.41
CA ARG A 146 -7.42 11.47 -16.59
C ARG A 146 -8.85 11.73 -16.17
N ALA A 147 -9.77 10.78 -16.38
CA ALA A 147 -11.18 10.95 -16.04
C ALA A 147 -11.45 11.11 -14.56
N LEU A 148 -10.51 10.65 -13.68
CA LEU A 148 -10.68 10.79 -12.24
C LEU A 148 -10.78 12.25 -11.80
N GLY A 149 -10.04 13.10 -12.50
CA GLY A 149 -10.00 14.51 -12.17
C GLY A 149 -9.22 14.79 -10.90
N CYS A 150 -8.11 14.05 -10.68
CA CYS A 150 -7.19 14.29 -9.57
C CYS A 150 -5.78 14.11 -10.13
N SER A 151 -5.45 14.92 -11.14
CA SER A 151 -4.18 14.89 -11.88
C SER A 151 -2.96 15.04 -11.01
N GLU A 152 -3.01 16.00 -10.05
CA GLU A 152 -1.89 16.27 -9.15
C GLU A 152 -1.57 15.05 -8.28
N LEU A 153 -2.61 14.38 -7.75
CA LEU A 153 -2.45 13.17 -6.92
C LEU A 153 -1.89 12.03 -7.76
N ILE A 154 -2.47 11.80 -8.96
CA ILE A 154 -1.97 10.73 -9.85
C ILE A 154 -0.48 10.93 -10.18
N SER A 155 -0.09 12.15 -10.64
CA SER A 155 1.32 12.40 -10.96
C SER A 155 2.22 12.26 -9.74
N SER A 156 1.75 12.62 -8.54
CA SER A 156 2.55 12.45 -7.31
C SER A 156 2.74 10.96 -6.99
N ILE A 157 1.72 10.11 -7.25
CA ILE A 157 1.81 8.66 -7.01
C ILE A 157 2.82 8.06 -8.01
N PHE A 158 2.74 8.46 -9.29
CA PHE A 158 3.64 8.00 -10.34
C PHE A 158 5.10 8.43 -9.98
N ASP A 159 5.31 9.68 -9.53
CA ASP A 159 6.62 10.21 -9.11
C ASP A 159 7.17 9.39 -7.95
N PHE A 160 6.29 9.01 -7.00
CA PHE A 160 6.69 8.23 -5.84
C PHE A 160 7.14 6.84 -6.26
N SER A 161 6.34 6.16 -7.12
CA SER A 161 6.71 4.83 -7.59
C SER A 161 8.00 4.91 -8.40
N HIS A 162 8.17 5.99 -9.18
CA HIS A 162 9.40 6.16 -9.95
C HIS A 162 10.60 6.28 -9.03
N SER A 163 10.47 7.07 -7.95
CA SER A 163 11.56 7.24 -6.97
C SER A 163 11.94 5.94 -6.29
N LEU A 164 10.95 5.08 -5.91
CA LEU A 164 11.23 3.77 -5.31
C LEU A 164 11.86 2.79 -6.32
N SER A 165 11.37 2.80 -7.57
CA SER A 165 11.90 1.92 -8.63
C SER A 165 13.42 2.16 -8.86
N ALA A 166 13.88 3.43 -8.76
CA ALA A 166 15.29 3.86 -8.87
C ALA A 166 16.18 3.20 -7.80
N LEU A 167 15.59 2.77 -6.67
CA LEU A 167 16.32 2.09 -5.58
C LEU A 167 16.61 0.62 -5.88
N HIS A 168 15.92 0.05 -6.89
CA HIS A 168 16.04 -1.36 -7.28
C HIS A 168 15.77 -2.31 -6.08
N PHE A 169 14.69 -2.08 -5.36
CA PHE A 169 14.35 -2.94 -4.21
C PHE A 169 14.20 -4.40 -4.60
N SER A 170 14.65 -5.31 -3.73
CA SER A 170 14.39 -6.73 -3.88
C SER A 170 12.98 -6.93 -3.24
N GLU A 171 12.32 -8.09 -3.49
CA GLU A 171 11.03 -8.35 -2.82
C GLU A 171 11.19 -8.42 -1.28
N ASP A 172 12.35 -8.95 -0.79
CA ASP A 172 12.65 -9.00 0.64
C ASP A 172 12.76 -7.61 1.27
N GLU A 173 13.40 -6.66 0.54
CA GLU A 173 13.53 -5.29 1.06
C GLU A 173 12.17 -4.64 1.18
N ILE A 174 11.27 -4.83 0.18
CA ILE A 174 9.93 -4.24 0.26
C ILE A 174 9.17 -4.86 1.42
N ALA A 175 9.32 -6.19 1.63
CA ALA A 175 8.64 -6.89 2.71
C ALA A 175 9.00 -6.26 4.07
N LEU A 176 10.29 -6.07 4.32
CA LEU A 176 10.75 -5.53 5.59
C LEU A 176 10.43 -4.06 5.77
N TYR A 177 10.55 -3.28 4.70
CA TYR A 177 10.20 -1.86 4.76
C TYR A 177 8.68 -1.68 5.00
N THR A 178 7.82 -2.43 4.29
CA THR A 178 6.37 -2.30 4.49
C THR A 178 5.95 -2.77 5.86
N ALA A 179 6.65 -3.78 6.46
CA ALA A 179 6.30 -4.19 7.84
C ALA A 179 6.52 -2.97 8.75
N LEU A 180 7.59 -2.19 8.48
CA LEU A 180 7.89 -0.96 9.24
C LEU A 180 6.96 0.20 9.00
N VAL A 181 6.48 0.33 7.76
CA VAL A 181 5.49 1.36 7.43
C VAL A 181 4.24 1.09 8.35
N LEU A 182 3.86 -0.18 8.48
CA LEU A 182 2.69 -0.56 9.25
C LEU A 182 2.93 -0.52 10.75
N ILE A 183 4.04 -1.11 11.23
CA ILE A 183 4.34 -1.14 12.67
C ILE A 183 5.06 0.14 13.08
N ASN A 184 4.27 1.19 13.30
CA ASN A 184 4.78 2.53 13.60
C ASN A 184 4.19 2.96 14.94
N ALA A 185 5.02 3.04 15.99
CA ALA A 185 4.56 3.38 17.33
C ALA A 185 4.16 4.86 17.50
N HIS A 186 4.40 5.68 16.49
CA HIS A 186 4.08 7.10 16.56
C HIS A 186 2.63 7.39 16.13
N ARG A 187 1.87 6.36 15.70
CA ARG A 187 0.50 6.62 15.24
C ARG A 187 -0.36 7.16 16.41
N PRO A 188 -1.08 8.27 16.22
CA PRO A 188 -1.96 8.77 17.31
C PRO A 188 -3.09 7.78 17.59
N GLY A 189 -3.40 7.57 18.86
CA GLY A 189 -4.49 6.69 19.27
C GLY A 189 -4.10 5.34 19.80
N LEU A 190 -2.78 5.03 19.79
CA LEU A 190 -2.29 3.75 20.28
C LEU A 190 -2.35 3.67 21.79
N GLN A 191 -3.04 2.65 22.27
CA GLN A 191 -3.17 2.39 23.71
C GLN A 191 -1.96 1.72 24.31
N GLU A 192 -1.37 0.72 23.62
CA GLU A 192 -0.18 0.00 24.11
C GLU A 192 1.01 0.42 23.27
N LYS A 193 1.37 1.71 23.39
CA LYS A 193 2.42 2.37 22.66
C LYS A 193 3.77 1.67 22.87
N ARG A 194 4.14 1.41 24.14
CA ARG A 194 5.41 0.75 24.46
C ARG A 194 5.51 -0.64 23.81
N LYS A 195 4.40 -1.41 23.76
CA LYS A 195 4.37 -2.71 23.12
C LYS A 195 4.66 -2.54 21.59
N VAL A 196 4.08 -1.49 20.96
CA VAL A 196 4.30 -1.25 19.53
C VAL A 196 5.73 -0.78 19.30
N GLU A 197 6.32 0.03 20.23
CA GLU A 197 7.71 0.50 20.12
C GLU A 197 8.65 -0.71 20.10
N GLN A 198 8.35 -1.75 20.88
CA GLN A 198 9.19 -2.95 20.94
C GLN A 198 9.10 -3.78 19.64
N LEU A 199 7.89 -3.93 19.09
CA LEU A 199 7.71 -4.65 17.82
C LEU A 199 8.39 -3.87 16.71
N GLN A 200 8.27 -2.53 16.73
CA GLN A 200 8.94 -1.66 15.77
C GLN A 200 10.47 -1.78 15.86
N TYR A 201 11.06 -1.73 17.09
CA TYR A 201 12.51 -1.89 17.28
C TYR A 201 13.00 -3.23 16.68
N ASN A 202 12.28 -4.35 16.95
CA ASN A 202 12.66 -5.67 16.40
C ASN A 202 12.57 -5.71 14.88
N LEU A 203 11.52 -5.09 14.33
CA LEU A 203 11.39 -5.04 12.88
C LEU A 203 12.48 -4.16 12.26
N GLU A 204 12.88 -3.06 12.95
CA GLU A 204 13.95 -2.17 12.48
C GLU A 204 15.27 -2.94 12.49
N LEU A 205 15.51 -3.75 13.52
CA LEU A 205 16.72 -4.58 13.59
C LEU A 205 16.75 -5.60 12.45
N ALA A 206 15.61 -6.23 12.14
CA ALA A 206 15.48 -7.23 11.07
C ALA A 206 15.78 -6.57 9.73
N PHE A 207 15.20 -5.39 9.51
CA PHE A 207 15.41 -4.63 8.29
C PHE A 207 16.88 -4.25 8.14
N HIS A 208 17.47 -3.63 9.16
CA HIS A 208 18.87 -3.21 9.10
C HIS A 208 19.83 -4.38 9.04
N HIS A 209 19.50 -5.49 9.72
CA HIS A 209 20.31 -6.70 9.66
C HIS A 209 20.37 -7.22 8.21
N HIS A 210 19.20 -7.32 7.57
CA HIS A 210 19.12 -7.77 6.19
C HIS A 210 19.90 -6.85 5.25
N LEU A 211 19.77 -5.53 5.42
CA LEU A 211 20.51 -4.61 4.56
C LEU A 211 22.02 -4.76 4.77
N CYS A 212 22.44 -4.93 6.03
CA CYS A 212 23.88 -5.08 6.38
C CYS A 212 24.43 -6.39 5.77
N LYS A 213 23.67 -7.49 5.89
CA LYS A 213 24.02 -8.82 5.37
C LYS A 213 24.14 -8.86 3.85
N THR A 214 23.33 -8.07 3.10
CA THR A 214 23.30 -8.05 1.64
C THR A 214 24.07 -6.85 1.04
N HIS A 215 24.79 -6.07 1.91
CA HIS A 215 25.55 -4.88 1.51
C HIS A 215 24.67 -3.84 0.81
N ARG A 216 23.48 -3.61 1.36
CA ARG A 216 22.52 -2.70 0.76
C ARG A 216 22.19 -1.53 1.68
N GLN A 217 23.04 -1.26 2.67
CA GLN A 217 22.81 -0.14 3.61
C GLN A 217 22.82 1.22 2.93
N SER A 218 23.39 1.31 1.72
CA SER A 218 23.40 2.53 0.93
C SER A 218 21.97 3.06 0.65
N ILE A 219 20.94 2.17 0.63
CA ILE A 219 19.57 2.61 0.38
C ILE A 219 18.95 3.42 1.52
N LEU A 220 19.44 3.27 2.77
CA LEU A 220 18.86 3.97 3.92
C LEU A 220 18.67 5.48 3.74
N ALA A 221 19.68 6.12 3.16
CA ALA A 221 19.68 7.56 2.90
C ALA A 221 18.69 7.94 1.80
N LYS A 222 18.36 6.97 0.92
CA LYS A 222 17.50 7.20 -0.24
C LYS A 222 16.03 6.83 -0.05
N LEU A 223 15.66 6.31 1.14
CA LEU A 223 14.29 5.95 1.45
C LEU A 223 13.41 7.21 1.51
N PRO A 224 12.10 7.15 1.17
CA PRO A 224 11.32 8.40 1.16
C PRO A 224 11.27 9.11 2.51
N PRO A 225 11.30 10.46 2.51
CA PRO A 225 11.28 11.19 3.78
C PRO A 225 10.04 10.90 4.62
N LYS A 226 10.18 11.06 5.94
CA LYS A 226 9.07 10.88 6.87
C LYS A 226 8.18 12.11 6.62
N GLY A 227 7.00 11.87 6.05
CA GLY A 227 6.06 12.92 5.66
C GLY A 227 5.57 12.81 4.22
N LYS A 228 6.38 12.16 3.34
CA LYS A 228 6.00 11.98 1.94
C LYS A 228 4.78 11.02 1.83
N LEU A 229 4.78 9.92 2.57
CA LEU A 229 3.65 8.98 2.54
C LEU A 229 2.40 9.57 3.15
N ARG A 230 2.56 10.34 4.25
CA ARG A 230 1.44 11.00 4.90
C ARG A 230 0.80 12.03 3.94
N SER A 231 1.62 12.77 3.18
CA SER A 231 1.17 13.75 2.19
C SER A 231 0.30 13.07 1.10
N LEU A 232 0.78 11.97 0.53
CA LEU A 232 0.04 11.21 -0.49
C LEU A 232 -1.29 10.70 0.08
N CYS A 233 -1.28 10.15 1.33
CA CYS A 233 -2.53 9.67 1.96
C CYS A 233 -3.50 10.77 2.24
N SER A 234 -3.00 11.92 2.69
CA SER A 234 -3.84 13.10 2.94
C SER A 234 -4.45 13.59 1.63
N GLN A 235 -3.68 13.63 0.53
CA GLN A 235 -4.20 14.08 -0.76
C GLN A 235 -5.32 13.16 -1.24
N HIS A 236 -5.15 11.82 -1.05
CA HIS A 236 -6.19 10.84 -1.44
C HIS A 236 -7.51 11.15 -0.71
N VAL A 237 -7.46 11.28 0.62
CA VAL A 237 -8.63 11.62 1.42
C VAL A 237 -9.31 12.93 0.94
N GLU A 238 -8.52 13.97 0.66
CA GLU A 238 -9.03 15.26 0.15
C GLU A 238 -9.72 15.12 -1.20
N ARG A 239 -9.14 14.37 -2.14
CA ARG A 239 -9.72 14.16 -3.45
C ARG A 239 -11.02 13.33 -3.34
N LEU A 240 -11.05 12.35 -2.40
CA LEU A 240 -12.26 11.58 -2.14
C LEU A 240 -13.36 12.51 -1.65
N GLN A 241 -13.07 13.42 -0.69
CA GLN A 241 -14.11 14.34 -0.19
C GLN A 241 -14.72 15.20 -1.31
N ILE A 242 -13.88 15.64 -2.26
CA ILE A 242 -14.31 16.42 -3.42
C ILE A 242 -15.23 15.56 -4.28
N PHE A 243 -14.80 14.34 -4.61
CA PHE A 243 -15.64 13.45 -5.41
C PHE A 243 -16.96 13.17 -4.69
N GLN A 244 -16.90 12.94 -3.35
CA GLN A 244 -18.08 12.62 -2.55
C GLN A 244 -19.13 13.75 -2.53
N HIS A 245 -18.68 14.99 -2.53
CA HIS A 245 -19.58 16.15 -2.58
C HIS A 245 -20.30 16.21 -3.94
N LEU A 246 -19.61 15.82 -5.03
CA LEU A 246 -20.19 15.85 -6.37
C LEU A 246 -21.10 14.62 -6.64
N HIS A 247 -20.71 13.43 -6.13
CA HIS A 247 -21.43 12.17 -6.38
C HIS A 247 -21.70 11.41 -5.08
N PRO A 248 -22.48 11.98 -4.12
CA PRO A 248 -22.65 11.30 -2.84
C PRO A 248 -23.35 9.95 -2.92
N ILE A 249 -24.28 9.81 -3.88
CA ILE A 249 -24.97 8.54 -4.02
C ILE A 249 -24.07 7.45 -4.58
N VAL A 250 -23.13 7.82 -5.46
CA VAL A 250 -22.16 6.87 -6.02
C VAL A 250 -21.32 6.28 -4.86
N VAL A 251 -20.86 7.12 -3.94
CA VAL A 251 -20.04 6.63 -2.81
C VAL A 251 -20.89 5.72 -1.90
N GLN A 252 -22.07 6.21 -1.54
CA GLN A 252 -22.96 5.46 -0.66
C GLN A 252 -23.37 4.09 -1.23
N ALA A 253 -23.76 4.05 -2.51
CA ALA A 253 -24.32 2.85 -3.14
C ALA A 253 -23.32 1.93 -3.83
N ALA A 254 -22.23 2.51 -4.36
CA ALA A 254 -21.31 1.77 -5.21
C ALA A 254 -19.85 1.65 -4.79
N PHE A 255 -19.46 2.25 -3.67
CA PHE A 255 -18.08 2.09 -3.17
C PHE A 255 -18.06 0.94 -2.18
N PRO A 256 -16.95 0.15 -2.12
CA PRO A 256 -16.90 -0.94 -1.15
C PRO A 256 -16.99 -0.46 0.30
N PRO A 257 -17.72 -1.19 1.16
CA PRO A 257 -17.80 -0.80 2.59
C PRO A 257 -16.42 -0.64 3.26
N LEU A 258 -15.42 -1.50 2.96
CA LEU A 258 -14.09 -1.35 3.58
C LEU A 258 -13.42 -0.03 3.18
N TYR A 259 -13.56 0.35 1.89
CA TYR A 259 -13.00 1.62 1.41
C TYR A 259 -13.58 2.79 2.24
N LYS A 260 -14.89 2.79 2.41
CA LYS A 260 -15.57 3.86 3.18
C LYS A 260 -15.18 3.90 4.64
N GLU A 261 -14.93 2.73 5.20
CA GLU A 261 -14.50 2.60 6.59
C GLU A 261 -13.13 3.24 6.80
N LEU A 262 -12.21 3.02 5.86
CA LEU A 262 -10.87 3.56 5.98
C LEU A 262 -10.73 5.00 5.58
N PHE A 263 -11.50 5.43 4.56
CA PHE A 263 -11.32 6.75 4.00
C PHE A 263 -12.43 7.77 4.19
N SER A 264 -13.65 7.33 4.51
CA SER A 264 -14.76 8.27 4.72
C SER A 264 -15.58 7.94 5.99
N GLY A 265 -14.88 7.48 7.03
CA GLY A 265 -15.46 7.12 8.33
C GLY A 265 -16.73 6.27 8.32
N GLY A 266 -16.78 5.29 7.42
CA GLY A 266 -17.92 4.39 7.26
C GLY A 266 -19.02 4.97 6.39
N LYS B 1 -19.70 0.91 13.41
CA LYS B 1 -18.37 1.48 13.21
C LYS B 1 -17.30 0.40 13.02
N HIS B 2 -16.38 0.63 12.06
CA HIS B 2 -15.28 -0.27 11.71
C HIS B 2 -15.71 -1.73 11.49
N LYS B 3 -16.97 -1.92 11.04
CA LYS B 3 -17.61 -3.22 10.83
C LYS B 3 -16.74 -4.21 10.09
N ILE B 4 -16.31 -3.85 8.88
CA ILE B 4 -15.53 -4.73 8.02
C ILE B 4 -14.18 -5.08 8.61
N LEU B 5 -13.39 -4.08 9.05
CA LEU B 5 -12.06 -4.31 9.60
C LEU B 5 -12.12 -5.26 10.79
N HIS B 6 -13.07 -5.03 11.70
CA HIS B 6 -13.28 -5.89 12.87
C HIS B 6 -13.51 -7.33 12.44
N ARG B 7 -14.34 -7.56 11.39
CA ARG B 7 -14.65 -8.89 10.85
C ARG B 7 -13.40 -9.53 10.26
N LEU B 8 -12.66 -8.79 9.38
CA LEU B 8 -11.41 -9.30 8.80
C LEU B 8 -10.37 -9.70 9.83
N LEU B 9 -10.27 -8.94 10.94
CA LEU B 9 -9.29 -9.24 11.98
C LEU B 9 -9.69 -10.43 12.86
N GLN B 10 -11.02 -10.69 12.94
CA GLN B 10 -11.64 -11.78 13.71
C GLN B 10 -11.64 -13.08 12.87
N ASP B 11 -11.88 -12.96 11.54
CA ASP B 11 -11.97 -14.06 10.58
C ASP B 11 -10.69 -14.91 10.49
N SER B 12 -10.58 -15.90 11.38
CA SER B 12 -9.45 -16.82 11.47
C SER B 12 -9.88 -18.25 11.15
#